data_3K0K
#
_entry.id   3K0K
#
_cell.length_a   114.422
_cell.length_b   114.422
_cell.length_c   123.005
_cell.angle_alpha   90.000
_cell.angle_beta   90.000
_cell.angle_gamma   120.000
#
_symmetry.space_group_name_H-M   'P 61 2 2'
#
loop_
_entity.id
_entity.type
_entity.pdbx_description
1 polymer 'Breast cancer type 1 susceptibility protein'
2 polymer 'phospho peptide pSPTF-COOH'
3 non-polymer 'NICKEL (II) ION'
4 non-polymer 'CHLORIDE ION'
5 water water
#
loop_
_entity_poly.entity_id
_entity_poly.type
_entity_poly.pdbx_seq_one_letter_code
_entity_poly.pdbx_strand_id
1 'polypeptide(L)'
;MVNKRMSMVVSGLTPEEFMLVYKFARKHHITLTNLITEETTHVVMKTDAEFVCERTLKYFLGIAGGKWVVSYFWVTQSIK
ERKMLNEHDFEVRGDVVNGRNHQGPKRARESQDRKIFRGLEICCYGPFTNMPTDQLEWMVQLCGASVVKELSSFTLGTGV
HPIVVVQPDAWTEDNGFHAIGQMCEAPVVTREWVLDSVALYQCQELDTYLIPQIP
;
A
2 'polypeptide(L)' (SEP)PTF B
#
loop_
_chem_comp.id
_chem_comp.type
_chem_comp.name
_chem_comp.formula
CL non-polymer 'CHLORIDE ION' 'Cl -1'
NI non-polymer 'NICKEL (II) ION' 'Ni 2'
#
# COMPACT_ATOMS: atom_id res chain seq x y z
N ARG A 5 -6.74 20.09 6.11
CA ARG A 5 -5.57 20.77 5.50
C ARG A 5 -4.44 19.79 5.25
N MET A 6 -3.21 20.21 5.54
CA MET A 6 -2.05 19.35 5.30
C MET A 6 -1.58 18.62 6.56
N SER A 7 -1.44 17.31 6.44
CA SER A 7 -0.92 16.48 7.53
C SER A 7 0.02 15.43 6.94
N MET A 8 1.25 15.37 7.44
CA MET A 8 2.26 14.51 6.82
C MET A 8 2.74 13.38 7.72
N VAL A 9 3.21 12.30 7.10
CA VAL A 9 4.08 11.36 7.78
C VAL A 9 5.23 11.11 6.82
N VAL A 10 6.36 10.63 7.31
CA VAL A 10 7.51 10.42 6.44
C VAL A 10 7.84 8.95 6.43
N SER A 11 8.59 8.51 5.42
CA SER A 11 9.08 7.13 5.45
C SER A 11 10.49 7.02 4.91
N GLY A 12 11.29 6.18 5.54
CA GLY A 12 12.65 5.93 5.08
C GLY A 12 13.65 7.03 5.36
N LEU A 13 13.32 7.97 6.25
CA LEU A 13 14.21 9.11 6.53
C LEU A 13 15.12 8.90 7.72
N THR A 14 16.23 9.63 7.77
CA THR A 14 17.03 9.67 8.97
C THR A 14 16.53 10.85 9.83
N PRO A 15 16.93 10.88 11.11
CA PRO A 15 16.50 11.94 12.03
C PRO A 15 16.81 13.31 11.47
N GLU A 16 18.06 13.54 11.06
CA GLU A 16 18.44 14.83 10.46
C GLU A 16 17.50 15.17 9.30
N GLU A 17 17.30 14.20 8.42
CA GLU A 17 16.30 14.34 7.35
C GLU A 17 14.93 14.67 7.92
N PHE A 18 14.52 13.93 8.95
CA PHE A 18 13.24 14.14 9.63
C PHE A 18 13.19 15.56 10.21
N MET A 19 14.28 16.00 10.80
CA MET A 19 14.36 17.35 11.36
C MET A 19 14.16 18.40 10.27
N LEU A 20 14.69 18.14 9.09
CA LEU A 20 14.42 19.00 7.96
C LEU A 20 12.93 19.04 7.64
N VAL A 21 12.27 17.88 7.60
CA VAL A 21 10.83 17.88 7.37
C VAL A 21 10.12 18.68 8.45
N TYR A 22 10.51 18.44 9.71
CA TYR A 22 9.97 19.24 10.80
C TYR A 22 10.13 20.73 10.50
N LYS A 23 11.35 21.12 10.13
CA LYS A 23 11.60 22.52 9.81
C LYS A 23 10.56 23.00 8.81
N PHE A 24 10.47 22.26 7.72
CA PHE A 24 9.50 22.51 6.66
C PHE A 24 8.09 22.62 7.24
N ALA A 25 7.74 21.65 8.08
CA ALA A 25 6.39 21.60 8.64
C ALA A 25 6.09 22.88 9.42
N ARG A 26 7.04 23.28 10.26
CA ARG A 26 6.81 24.39 11.14
C ARG A 26 6.62 25.66 10.34
N LYS A 27 7.47 25.85 9.33
CA LYS A 27 7.38 27.04 8.50
C LYS A 27 6.00 27.16 7.88
N HIS A 28 5.47 26.04 7.39
CA HIS A 28 4.24 26.06 6.58
C HIS A 28 2.98 25.67 7.36
N HIS A 29 3.15 25.42 8.65
CA HIS A 29 2.01 25.13 9.52
C HIS A 29 1.37 23.78 9.21
N ILE A 30 2.17 22.90 8.59
CA ILE A 30 1.74 21.56 8.24
C ILE A 30 1.89 20.64 9.46
N THR A 31 0.89 19.80 9.71
CA THR A 31 0.95 18.83 10.79
C THR A 31 1.92 17.71 10.41
N LEU A 32 2.61 17.14 11.39
CA LEU A 32 3.52 16.02 11.16
C LEU A 32 3.30 14.97 12.23
N THR A 33 3.12 13.71 11.82
CA THR A 33 2.77 12.65 12.77
C THR A 33 3.52 11.36 12.49
N ASN A 34 3.53 10.48 13.49
CA ASN A 34 4.24 9.22 13.42
C ASN A 34 3.45 8.20 12.61
N LEU A 35 2.14 8.15 12.86
CA LEU A 35 1.27 7.15 12.25
C LEU A 35 0.37 7.74 11.18
N ILE A 36 0.17 6.96 10.13
CA ILE A 36 -0.65 7.34 9.01
C ILE A 36 -2.10 7.02 9.32
N THR A 37 -2.98 8.00 9.18
CA THR A 37 -4.42 7.82 9.43
C THR A 37 -5.28 8.30 8.27
N GLU A 38 -6.59 8.32 8.49
CA GLU A 38 -7.50 8.85 7.51
C GLU A 38 -7.10 10.27 7.12
N GLU A 39 -6.78 11.09 8.12
CA GLU A 39 -6.53 12.50 7.91
C GLU A 39 -5.27 12.77 7.11
N THR A 40 -4.28 11.89 7.26
CA THR A 40 -2.99 12.04 6.59
C THR A 40 -3.18 12.38 5.11
N THR A 41 -2.60 13.48 4.66
CA THR A 41 -2.77 13.88 3.26
C THR A 41 -1.51 13.63 2.43
N HIS A 42 -0.35 13.68 3.09
CA HIS A 42 0.91 13.48 2.38
C HIS A 42 1.75 12.38 3.01
N VAL A 43 2.46 11.63 2.17
CA VAL A 43 3.44 10.66 2.63
C VAL A 43 4.81 11.00 2.04
N VAL A 44 5.73 11.47 2.87
CA VAL A 44 7.02 11.90 2.34
C VAL A 44 8.02 10.74 2.26
N MET A 45 8.34 10.32 1.04
CA MET A 45 9.28 9.20 0.83
C MET A 45 10.73 9.61 0.50
N LYS A 46 11.66 8.87 1.10
CA LYS A 46 13.04 8.79 0.65
C LYS A 46 13.07 8.14 -0.71
N THR A 47 13.57 8.86 -1.72
CA THR A 47 13.77 8.31 -3.05
C THR A 47 15.19 8.60 -3.56
N ASP A 48 15.50 8.09 -4.75
CA ASP A 48 16.77 8.38 -5.40
C ASP A 48 16.56 9.55 -6.36
N ALA A 49 17.65 10.04 -6.95
CA ALA A 49 17.57 11.20 -7.83
C ALA A 49 16.33 11.18 -8.74
N GLU A 50 15.90 9.99 -9.16
CA GLU A 50 14.80 9.88 -10.12
C GLU A 50 13.45 9.48 -9.49
N PHE A 51 13.30 9.75 -8.20
CA PHE A 51 12.01 9.61 -7.51
C PHE A 51 11.51 8.18 -7.36
N VAL A 52 12.43 7.23 -7.42
CA VAL A 52 12.09 5.85 -7.06
C VAL A 52 12.31 5.67 -5.57
N CYS A 53 11.42 4.92 -4.92
CA CYS A 53 11.49 4.74 -3.48
C CYS A 53 11.45 3.26 -3.16
N GLU A 54 11.66 2.93 -1.89
CA GLU A 54 11.39 1.59 -1.44
C GLU A 54 9.91 1.44 -1.07
N ARG A 55 9.45 0.18 -1.01
CA ARG A 55 8.06 -0.16 -0.65
C ARG A 55 7.90 -0.37 0.84
N THR A 56 7.27 0.60 1.50
CA THR A 56 6.99 0.50 2.92
C THR A 56 5.49 0.56 3.11
N LEU A 57 5.04 0.10 4.27
CA LEU A 57 3.63 0.11 4.58
C LEU A 57 3.05 1.49 4.27
N LYS A 58 3.76 2.52 4.71
CA LYS A 58 3.28 3.88 4.49
C LYS A 58 3.19 4.19 3.00
N TYR A 59 4.16 3.70 2.23
CA TYR A 59 4.09 3.79 0.79
C TYR A 59 2.70 3.26 0.39
N PHE A 60 2.46 1.98 0.67
CA PHE A 60 1.18 1.34 0.31
C PHE A 60 -0.07 2.04 0.81
N LEU A 61 -0.13 2.32 2.11
CA LEU A 61 -1.33 2.96 2.63
C LEU A 61 -1.50 4.33 1.99
N GLY A 62 -0.37 4.95 1.64
CA GLY A 62 -0.40 6.21 0.93
C GLY A 62 -1.18 6.08 -0.36
N ILE A 63 -0.72 5.20 -1.25
CA ILE A 63 -1.42 4.99 -2.51
C ILE A 63 -2.87 4.56 -2.30
N ALA A 64 -3.07 3.60 -1.40
CA ALA A 64 -4.39 3.09 -1.10
C ALA A 64 -5.36 4.20 -0.71
N GLY A 65 -4.82 5.32 -0.25
CA GLY A 65 -5.67 6.39 0.23
C GLY A 65 -5.77 7.48 -0.79
N GLY A 66 -5.07 7.29 -1.91
CA GLY A 66 -4.96 8.33 -2.93
C GLY A 66 -4.41 9.61 -2.33
N LYS A 67 -3.51 9.47 -1.36
CA LYS A 67 -2.89 10.63 -0.74
C LYS A 67 -1.74 11.14 -1.60
N TRP A 68 -1.12 12.25 -1.21
CA TRP A 68 0.09 12.68 -1.91
C TRP A 68 1.26 11.83 -1.47
N VAL A 69 1.84 11.10 -2.41
CA VAL A 69 3.05 10.34 -2.15
C VAL A 69 4.21 11.01 -2.90
N VAL A 70 4.99 11.79 -2.15
CA VAL A 70 5.97 12.70 -2.72
C VAL A 70 7.40 12.44 -2.22
N SER A 71 8.37 12.65 -3.09
CA SER A 71 9.77 12.43 -2.77
C SER A 71 10.30 13.47 -1.76
N TYR A 72 11.15 13.00 -0.85
CA TYR A 72 11.81 13.87 0.10
C TYR A 72 12.38 15.13 -0.57
N PHE A 73 12.65 15.05 -1.86
CA PHE A 73 13.22 16.19 -2.59
C PHE A 73 12.23 17.35 -2.67
N TRP A 74 10.95 17.06 -2.42
CA TRP A 74 9.94 18.10 -2.31
C TRP A 74 10.29 19.03 -1.16
N VAL A 75 10.52 18.43 0.00
CA VAL A 75 10.90 19.16 1.20
C VAL A 75 12.13 20.06 1.00
N THR A 76 13.27 19.43 0.69
CA THR A 76 14.56 20.14 0.63
C THR A 76 14.57 21.26 -0.42
N GLN A 77 13.83 21.07 -1.51
CA GLN A 77 13.75 22.08 -2.55
C GLN A 77 12.97 23.28 -2.06
N SER A 78 11.80 23.05 -1.48
CA SER A 78 11.02 24.11 -0.87
C SER A 78 11.87 24.91 0.09
N ILE A 79 12.42 24.24 1.10
CA ILE A 79 13.32 24.89 2.03
C ILE A 79 14.33 25.71 1.27
N LYS A 80 14.98 25.08 0.30
CA LYS A 80 16.04 25.71 -0.49
C LYS A 80 15.53 26.87 -1.33
N GLU A 81 14.23 27.14 -1.27
CA GLU A 81 13.63 28.21 -2.04
C GLU A 81 12.51 28.87 -1.25
N ARG A 82 12.71 29.00 0.05
CA ARG A 82 11.69 29.52 0.96
C ARG A 82 10.29 29.52 0.36
N LYS A 83 9.81 28.34 -0.04
CA LYS A 83 8.41 28.19 -0.43
C LYS A 83 8.00 26.79 -0.83
N MET A 84 6.69 26.52 -0.70
CA MET A 84 6.14 25.22 -1.00
C MET A 84 5.98 24.99 -2.49
N LEU A 85 6.91 24.21 -3.05
CA LEU A 85 6.82 23.79 -4.43
C LEU A 85 5.69 22.75 -4.59
N ASN A 86 4.71 23.05 -5.43
CA ASN A 86 3.56 22.15 -5.57
C ASN A 86 3.93 20.66 -5.63
N GLU A 87 3.15 19.85 -4.92
CA GLU A 87 3.39 18.41 -4.85
C GLU A 87 3.50 17.79 -6.24
N HIS A 88 2.72 18.32 -7.18
CA HIS A 88 2.61 17.74 -8.52
C HIS A 88 3.95 17.32 -9.13
N ASP A 89 5.00 18.08 -8.85
CA ASP A 89 6.27 17.92 -9.55
C ASP A 89 7.32 17.11 -8.77
N PHE A 90 6.93 16.42 -7.72
CA PHE A 90 7.89 15.61 -7.00
C PHE A 90 7.42 14.19 -6.70
N GLU A 91 6.35 13.74 -7.37
CA GLU A 91 5.80 12.40 -7.11
C GLU A 91 6.78 11.24 -7.31
N VAL A 92 6.43 10.07 -6.81
CA VAL A 92 7.27 8.89 -6.95
C VAL A 92 6.77 8.03 -8.12
N ARG A 93 7.60 7.91 -9.15
CA ARG A 93 7.22 7.20 -10.37
C ARG A 93 7.04 5.71 -10.10
N GLY A 94 7.80 5.19 -9.14
CA GLY A 94 7.79 3.77 -8.87
C GLY A 94 8.73 3.39 -7.75
N ASP A 95 9.07 2.11 -7.66
CA ASP A 95 9.83 1.61 -6.54
C ASP A 95 10.83 0.57 -7.01
N VAL A 96 11.64 0.08 -6.08
CA VAL A 96 12.71 -0.84 -6.44
C VAL A 96 12.23 -2.25 -6.69
N VAL A 97 10.91 -2.44 -6.72
CA VAL A 97 10.37 -3.78 -6.98
C VAL A 97 9.46 -3.82 -8.21
N ASN A 98 8.54 -2.86 -8.28
CA ASN A 98 7.51 -2.85 -9.31
C ASN A 98 7.88 -2.03 -10.54
N GLY A 99 9.11 -1.56 -10.59
CA GLY A 99 9.59 -0.79 -11.74
C GLY A 99 9.77 0.69 -11.42
N ARG A 100 10.73 1.31 -12.08
CA ARG A 100 11.09 2.69 -11.80
C ARG A 100 10.11 3.70 -12.39
N ASN A 101 9.14 3.22 -13.15
CA ASN A 101 8.31 4.14 -13.89
C ASN A 101 6.90 3.63 -14.11
N HIS A 102 6.15 3.47 -13.03
CA HIS A 102 4.77 3.00 -13.14
C HIS A 102 3.69 4.02 -12.73
N GLN A 103 4.10 5.15 -12.18
CA GLN A 103 3.13 6.18 -11.84
C GLN A 103 2.02 5.67 -10.90
N GLY A 104 2.38 4.80 -9.96
CA GLY A 104 1.42 4.25 -9.02
C GLY A 104 0.55 5.29 -8.34
N PRO A 105 1.12 6.05 -7.38
CA PRO A 105 0.43 7.08 -6.61
C PRO A 105 -0.34 8.02 -7.51
N LYS A 106 0.25 8.32 -8.67
CA LYS A 106 -0.39 9.10 -9.71
C LYS A 106 -1.74 8.50 -10.02
N ARG A 107 -1.75 7.31 -10.61
N ARG A 107 -1.73 7.30 -10.60
CA ARG A 107 -3.02 6.66 -10.95
CA ARG A 107 -2.96 6.60 -10.95
C ARG A 107 -3.95 6.78 -9.75
C ARG A 107 -3.97 6.63 -9.79
N ALA A 108 -3.49 6.33 -8.59
CA ALA A 108 -4.33 6.28 -7.40
C ALA A 108 -5.08 7.59 -7.20
N ARG A 109 -4.33 8.69 -7.10
CA ARG A 109 -4.94 9.99 -6.96
C ARG A 109 -5.99 10.19 -8.04
N GLU A 110 -5.92 9.40 -9.10
CA GLU A 110 -6.76 9.64 -10.28
C GLU A 110 -7.84 8.59 -10.51
N SER A 111 -8.41 8.03 -9.44
CA SER A 111 -9.38 6.97 -9.63
C SER A 111 -10.03 6.48 -8.33
N GLN A 112 -10.51 7.43 -7.54
CA GLN A 112 -11.17 7.12 -6.27
C GLN A 112 -12.66 6.90 -6.48
N ASP A 113 -13.11 6.99 -7.72
CA ASP A 113 -14.49 6.67 -8.07
C ASP A 113 -14.56 5.31 -8.76
N ARG A 114 -13.41 4.64 -8.81
CA ARG A 114 -13.29 3.31 -9.39
C ARG A 114 -12.04 2.66 -8.80
N LYS A 115 -12.19 1.99 -7.66
CA LYS A 115 -11.05 1.45 -6.92
C LYS A 115 -10.73 0.01 -7.28
N ILE A 116 -9.44 -0.27 -7.47
CA ILE A 116 -9.00 -1.57 -7.98
C ILE A 116 -9.68 -2.79 -7.35
N PHE A 117 -10.20 -2.66 -6.14
CA PHE A 117 -10.87 -3.78 -5.47
C PHE A 117 -12.37 -3.61 -5.36
N ARG A 118 -12.95 -2.92 -6.33
CA ARG A 118 -14.38 -2.92 -6.56
C ARG A 118 -14.86 -4.37 -6.60
N GLY A 119 -15.96 -4.64 -5.90
CA GLY A 119 -16.61 -5.95 -5.95
C GLY A 119 -15.81 -7.15 -5.47
N LEU A 120 -14.93 -6.94 -4.48
CA LEU A 120 -14.11 -8.03 -3.96
C LEU A 120 -14.28 -8.26 -2.47
N GLU A 121 -14.45 -9.52 -2.09
CA GLU A 121 -14.37 -9.90 -0.69
C GLU A 121 -13.03 -10.58 -0.49
N ILE A 122 -12.24 -10.03 0.40
CA ILE A 122 -10.91 -10.57 0.64
C ILE A 122 -10.77 -11.10 2.05
N CYS A 123 -10.17 -12.28 2.18
CA CYS A 123 -9.80 -12.79 3.49
C CYS A 123 -8.29 -12.95 3.62
N CYS A 124 -7.68 -12.09 4.43
CA CYS A 124 -6.28 -12.25 4.77
C CYS A 124 -6.15 -13.41 5.76
N TYR A 125 -5.62 -14.52 5.29
CA TYR A 125 -5.70 -15.76 6.06
C TYR A 125 -4.34 -16.18 6.60
N GLY A 126 -4.31 -16.44 7.90
CA GLY A 126 -3.09 -16.89 8.57
C GLY A 126 -2.20 -15.74 8.98
N PRO A 127 -0.89 -16.03 9.17
CA PRO A 127 0.14 -15.15 9.74
C PRO A 127 0.88 -14.32 8.70
N PHE A 128 1.17 -13.07 9.03
CA PHE A 128 1.99 -12.22 8.16
C PHE A 128 3.13 -11.61 8.96
N THR A 129 4.10 -11.03 8.25
CA THR A 129 5.28 -10.47 8.90
C THR A 129 5.51 -9.03 8.45
N ASN A 130 6.25 -8.28 9.24
CA ASN A 130 6.63 -6.91 8.87
C ASN A 130 5.42 -6.04 8.61
N MET A 131 4.25 -6.67 8.56
CA MET A 131 3.01 -5.97 8.28
C MET A 131 1.86 -6.66 9.04
N PRO A 132 1.22 -5.91 9.96
CA PRO A 132 0.16 -6.56 10.70
C PRO A 132 -1.04 -6.76 9.81
N THR A 133 -1.70 -7.89 9.99
CA THR A 133 -2.94 -8.19 9.30
C THR A 133 -3.89 -7.01 9.21
N ASP A 134 -4.27 -6.43 10.35
CA ASP A 134 -5.24 -5.34 10.34
C ASP A 134 -4.85 -4.21 9.38
N GLN A 135 -3.55 -3.97 9.23
CA GLN A 135 -3.06 -2.96 8.28
C GLN A 135 -3.23 -3.42 6.83
N LEU A 136 -2.87 -4.66 6.54
CA LEU A 136 -3.17 -5.21 5.23
C LEU A 136 -4.69 -5.13 4.99
N GLU A 137 -5.47 -5.48 6.00
CA GLU A 137 -6.92 -5.40 5.87
C GLU A 137 -7.35 -3.96 5.58
N TRP A 138 -6.87 -3.01 6.36
CA TRP A 138 -7.18 -1.61 6.13
C TRP A 138 -6.83 -1.24 4.70
N MET A 139 -5.66 -1.68 4.25
CA MET A 139 -5.21 -1.41 2.91
C MET A 139 -6.30 -1.79 1.93
N VAL A 140 -6.58 -3.08 1.82
CA VAL A 140 -7.58 -3.53 0.85
C VAL A 140 -8.94 -2.85 0.96
N GLN A 141 -9.37 -2.47 2.16
CA GLN A 141 -10.61 -1.69 2.24
C GLN A 141 -10.47 -0.34 1.55
N LEU A 142 -9.35 0.32 1.75
CA LEU A 142 -9.12 1.62 1.11
C LEU A 142 -9.22 1.47 -0.40
N CYS A 143 -8.95 0.26 -0.90
CA CYS A 143 -9.07 -0.03 -2.32
C CYS A 143 -10.46 -0.54 -2.71
N GLY A 144 -11.34 -0.68 -1.72
CA GLY A 144 -12.73 -0.98 -2.00
C GLY A 144 -13.10 -2.44 -1.89
N ALA A 145 -12.17 -3.25 -1.37
CA ALA A 145 -12.52 -4.63 -1.06
C ALA A 145 -13.42 -4.65 0.16
N SER A 146 -13.86 -5.83 0.55
CA SER A 146 -14.64 -6.00 1.76
C SER A 146 -13.90 -7.06 2.56
N VAL A 147 -13.57 -6.76 3.80
CA VAL A 147 -12.75 -7.68 4.55
C VAL A 147 -13.61 -8.79 5.10
N VAL A 148 -13.08 -10.01 5.10
CA VAL A 148 -13.75 -11.18 5.66
C VAL A 148 -12.74 -11.83 6.59
N LYS A 149 -13.17 -12.20 7.78
CA LYS A 149 -12.23 -12.70 8.79
C LYS A 149 -12.06 -14.22 8.77
N GLU A 150 -13.13 -14.93 8.48
CA GLU A 150 -13.08 -16.38 8.49
C GLU A 150 -13.31 -16.91 7.09
N LEU A 151 -12.59 -17.95 6.68
CA LEU A 151 -12.82 -18.55 5.37
C LEU A 151 -14.31 -18.84 5.17
N SER A 152 -14.97 -19.32 6.21
CA SER A 152 -16.35 -19.75 6.10
C SER A 152 -17.30 -18.58 6.10
N SER A 153 -16.79 -17.38 6.31
CA SER A 153 -17.62 -16.17 6.36
C SER A 153 -17.80 -15.52 5.00
N PHE A 154 -17.32 -16.18 3.94
CA PHE A 154 -17.45 -15.63 2.61
C PHE A 154 -18.92 -15.52 2.22
N THR A 155 -19.28 -14.42 1.58
CA THR A 155 -20.65 -14.20 1.10
C THR A 155 -20.99 -15.12 -0.06
N LEU A 156 -21.70 -16.22 0.23
CA LEU A 156 -22.11 -17.14 -0.83
C LEU A 156 -23.05 -16.48 -1.84
N GLY A 157 -23.19 -17.12 -2.98
CA GLY A 157 -23.95 -16.56 -4.09
C GLY A 157 -23.03 -16.32 -5.28
N THR A 158 -23.11 -15.12 -5.86
CA THR A 158 -22.34 -14.84 -7.05
C THR A 158 -22.09 -13.34 -7.14
N GLY A 159 -23.09 -12.55 -6.76
CA GLY A 159 -22.92 -11.11 -6.75
C GLY A 159 -21.45 -10.76 -6.58
N VAL A 160 -20.79 -11.38 -5.61
CA VAL A 160 -19.41 -11.02 -5.27
C VAL A 160 -18.34 -12.01 -5.73
N HIS A 161 -17.07 -11.63 -5.53
CA HIS A 161 -15.92 -12.42 -5.93
C HIS A 161 -14.97 -12.53 -4.74
N PRO A 162 -14.79 -13.74 -4.20
CA PRO A 162 -13.99 -13.93 -3.00
C PRO A 162 -12.54 -14.25 -3.32
N ILE A 163 -11.63 -13.95 -2.40
CA ILE A 163 -10.21 -14.20 -2.60
C ILE A 163 -9.48 -14.37 -1.28
N VAL A 164 -8.69 -15.44 -1.17
CA VAL A 164 -7.88 -15.63 0.03
C VAL A 164 -6.44 -15.21 -0.16
N VAL A 165 -5.98 -14.27 0.65
CA VAL A 165 -4.60 -13.80 0.60
C VAL A 165 -3.78 -14.41 1.74
N VAL A 166 -2.67 -15.03 1.37
CA VAL A 166 -1.79 -15.66 2.34
C VAL A 166 -0.36 -15.18 2.15
N GLN A 167 0.44 -15.32 3.21
CA GLN A 167 1.88 -15.13 3.07
C GLN A 167 2.63 -16.36 3.53
N PRO A 168 3.00 -17.23 2.58
CA PRO A 168 3.64 -18.52 2.84
C PRO A 168 4.83 -18.41 3.80
N ASP A 169 5.65 -17.39 3.62
CA ASP A 169 6.81 -17.22 4.47
C ASP A 169 6.47 -17.48 5.93
N ALA A 170 5.56 -16.68 6.47
CA ALA A 170 5.27 -16.70 7.89
C ALA A 170 4.72 -18.05 8.37
N TRP A 171 4.47 -18.95 7.42
CA TRP A 171 4.02 -20.29 7.76
C TRP A 171 5.22 -21.21 7.89
N THR A 172 5.17 -22.09 8.88
CA THR A 172 6.11 -23.18 8.97
C THR A 172 5.25 -24.41 9.18
N GLU A 173 4.55 -24.82 8.13
CA GLU A 173 3.46 -25.80 8.26
C GLU A 173 3.52 -26.96 7.26
N ASP A 174 2.71 -27.98 7.51
CA ASP A 174 2.60 -29.14 6.62
C ASP A 174 1.39 -29.00 5.69
N ASN A 175 0.21 -29.41 6.14
CA ASN A 175 -0.99 -29.16 5.36
C ASN A 175 -1.66 -27.84 5.70
N GLY A 176 -1.02 -26.75 5.32
CA GLY A 176 -1.54 -25.42 5.61
C GLY A 176 -2.14 -24.75 4.40
N PHE A 177 -1.29 -24.12 3.60
CA PHE A 177 -1.74 -23.28 2.50
C PHE A 177 -1.89 -23.96 1.14
N HIS A 178 -1.37 -25.18 1.00
CA HIS A 178 -1.58 -25.93 -0.23
C HIS A 178 -3.02 -26.46 -0.21
N ALA A 179 -3.62 -26.38 0.97
CA ALA A 179 -4.90 -27.03 1.23
C ALA A 179 -5.96 -26.07 1.74
N ILE A 180 -5.99 -24.86 1.22
CA ILE A 180 -7.05 -23.93 1.58
C ILE A 180 -8.30 -24.17 0.75
N GLY A 181 -8.11 -24.52 -0.52
CA GLY A 181 -9.22 -24.75 -1.43
C GLY A 181 -10.11 -25.88 -0.96
N GLN A 182 -9.74 -26.51 0.14
CA GLN A 182 -10.54 -27.59 0.72
C GLN A 182 -11.59 -27.05 1.68
N MET A 183 -11.29 -25.89 2.27
CA MET A 183 -12.18 -25.31 3.26
C MET A 183 -12.97 -24.14 2.71
N CYS A 184 -12.76 -23.82 1.43
CA CYS A 184 -13.54 -22.77 0.78
C CYS A 184 -13.42 -22.84 -0.74
N GLU A 185 -14.16 -21.97 -1.43
CA GLU A 185 -14.21 -22.01 -2.89
C GLU A 185 -13.73 -20.70 -3.50
N ALA A 186 -12.50 -20.32 -3.20
CA ALA A 186 -11.99 -19.05 -3.66
C ALA A 186 -10.59 -19.22 -4.19
N PRO A 187 -10.18 -18.35 -5.11
CA PRO A 187 -8.78 -18.34 -5.48
C PRO A 187 -7.94 -18.00 -4.25
N VAL A 188 -6.77 -18.63 -4.14
CA VAL A 188 -5.83 -18.37 -3.06
C VAL A 188 -4.59 -17.71 -3.61
N VAL A 189 -4.05 -16.71 -2.94
CA VAL A 189 -2.88 -16.02 -3.45
C VAL A 189 -1.99 -15.46 -2.36
N THR A 190 -0.78 -15.06 -2.74
CA THR A 190 0.18 -14.49 -1.80
C THR A 190 -0.07 -13.00 -1.66
N ARG A 191 0.38 -12.44 -0.54
CA ARG A 191 0.28 -11.01 -0.29
C ARG A 191 0.76 -10.20 -1.48
N GLU A 192 1.73 -10.74 -2.23
CA GLU A 192 2.31 -9.99 -3.34
C GLU A 192 1.27 -9.55 -4.37
N TRP A 193 0.17 -10.28 -4.48
CA TRP A 193 -0.90 -9.86 -5.38
C TRP A 193 -1.41 -8.49 -4.96
N VAL A 194 -1.65 -8.33 -3.66
CA VAL A 194 -2.14 -7.07 -3.11
C VAL A 194 -1.11 -5.96 -3.22
N LEU A 195 0.09 -6.20 -2.71
CA LEU A 195 1.08 -5.13 -2.67
C LEU A 195 1.38 -4.70 -4.09
N ASP A 196 1.68 -5.67 -4.95
CA ASP A 196 1.93 -5.38 -6.36
C ASP A 196 0.76 -4.62 -6.95
N SER A 197 -0.46 -5.02 -6.60
CA SER A 197 -1.64 -4.41 -7.19
C SER A 197 -1.74 -2.96 -6.75
N VAL A 198 -1.45 -2.74 -5.46
CA VAL A 198 -1.54 -1.41 -4.88
C VAL A 198 -0.42 -0.50 -5.40
N ALA A 199 0.77 -1.07 -5.53
CA ALA A 199 1.90 -0.30 -6.04
C ALA A 199 1.49 0.31 -7.35
N LEU A 200 1.43 -0.55 -8.37
CA LEU A 200 0.99 -0.18 -9.72
C LEU A 200 -0.41 0.44 -9.72
N TYR A 201 -1.12 0.30 -8.60
CA TYR A 201 -2.54 0.60 -8.57
C TYR A 201 -3.28 0.04 -9.77
N GLN A 202 -2.87 -1.14 -10.22
CA GLN A 202 -3.65 -1.89 -11.18
C GLN A 202 -3.95 -3.28 -10.63
N CYS A 203 -5.21 -3.67 -10.73
CA CYS A 203 -5.65 -4.97 -10.28
C CYS A 203 -4.99 -6.08 -11.09
N GLN A 204 -4.06 -6.79 -10.46
CA GLN A 204 -3.22 -7.78 -11.15
C GLN A 204 -3.86 -9.15 -11.27
N GLU A 205 -3.99 -9.64 -12.51
CA GLU A 205 -4.49 -10.98 -12.71
C GLU A 205 -3.93 -11.87 -11.63
N LEU A 206 -4.79 -12.69 -11.04
CA LEU A 206 -4.36 -13.67 -10.05
C LEU A 206 -3.31 -14.62 -10.64
N ASP A 207 -3.38 -14.79 -11.96
CA ASP A 207 -2.58 -15.79 -12.68
C ASP A 207 -1.24 -16.07 -12.03
N THR A 208 -0.48 -14.99 -11.82
CA THR A 208 0.91 -15.11 -11.42
C THR A 208 1.07 -15.39 -9.94
N TYR A 209 -0.01 -15.26 -9.18
CA TYR A 209 0.09 -15.33 -7.72
C TYR A 209 -0.62 -16.52 -7.09
N LEU A 210 -1.39 -17.26 -7.86
CA LEU A 210 -2.16 -18.39 -7.33
C LEU A 210 -1.27 -19.41 -6.63
N ILE A 211 -1.74 -19.95 -5.50
CA ILE A 211 -1.02 -21.02 -4.83
C ILE A 211 -1.73 -22.36 -5.01
N PRO A 212 -0.94 -23.44 -5.22
CA PRO A 212 -1.47 -24.73 -5.61
C PRO A 212 -2.45 -25.24 -4.58
N GLN A 213 -3.71 -25.40 -5.02
CA GLN A 213 -4.73 -25.91 -4.14
C GLN A 213 -4.98 -27.36 -4.45
N ILE A 214 -4.95 -28.20 -3.43
CA ILE A 214 -5.30 -29.60 -3.59
C ILE A 214 -6.79 -29.73 -3.96
N PRO A 215 -7.17 -30.89 -4.50
CA PRO A 215 -8.57 -31.12 -4.81
C PRO A 215 -9.33 -31.68 -3.61
N SEP B 1 11.99 1.35 8.94
CA SEP B 1 10.71 0.66 8.62
CB SEP B 1 9.81 1.55 7.77
OG SEP B 1 9.23 2.54 8.59
C SEP B 1 11.04 -0.61 7.84
O SEP B 1 12.10 -0.69 7.24
P SEP B 1 9.20 3.95 7.85
O1P SEP B 1 8.37 3.92 6.48
O2P SEP B 1 10.75 4.24 7.58
O3P SEP B 1 8.52 5.11 8.72
N PRO B 2 10.13 -1.59 7.87
CA PRO B 2 10.40 -2.78 7.07
C PRO B 2 10.10 -2.48 5.62
N THR B 3 10.81 -3.14 4.71
CA THR B 3 10.50 -3.03 3.28
C THR B 3 9.94 -4.34 2.76
N PHE B 4 9.27 -4.29 1.62
CA PHE B 4 8.68 -5.49 1.05
C PHE B 4 8.95 -5.57 -0.43
NI NI C . -16.81 -12.39 -12.29
CL CL D . 13.09 1.35 6.95
#